data_3JYM
#
_entry.id   3JYM
#
_cell.length_a   186.956
_cell.length_b   31.012
_cell.length_c   68.978
_cell.angle_alpha   90.00
_cell.angle_beta   93.59
_cell.angle_gamma   90.00
#
_symmetry.space_group_name_H-M   'P 1 21 1'
#
_entity_poly.entity_id   1
_entity_poly.type   'polypeptide(L)'
_entity_poly.pdbx_seq_one_letter_code
;MGDGMGDFGGAEGPGMKVGEENEIGKQGLKKKLLKEGEGWDTPEVGDEVEVHYTGTLLDGKKFDSSRDRDDTFKFKLGQG
QVIKGWDQGIKTMKKGENALFTIPPELAYGESGSPPTIPANATLQFDVELLSWTSVRDIAKDGGIFKKILKEGDKWENPK
DPDEVFVKYEARLEDGTVVSKSEGVEFTVKDGHLCPALAKAVKTMKKGEKVLLAVKPQYGFGEMGRPAAGEGGAVPPNAS
LVIDLELVSWKTVTEIGDDKKILKKVLKE(UNK)EGYERPNEGAVVTVKITGKLQDGTVFLKKGHDEQEPFEFKTDEEAV
IEGLDRAVLNMKKGEVALVTIPPEYAYGSTESKQDAIVPPNSTVIYEVELVSFVKDKESWD
;
_entity_poly.pdbx_strand_id   A,B
#
# COMPACT_ATOMS: atom_id res chain seq x y z
N GLY A 19 -12.48 -8.28 -1.39
CA GLY A 19 -12.62 -8.73 0.05
C GLY A 19 -12.17 -7.69 1.11
N GLU A 20 -12.51 -7.93 2.39
CA GLU A 20 -12.50 -6.83 3.38
C GLU A 20 -12.22 -7.19 4.85
N GLU A 21 -12.61 -6.30 5.77
CA GLU A 21 -12.18 -6.47 7.14
C GLU A 21 -13.07 -5.81 8.19
N ASN A 22 -13.21 -6.48 9.33
CA ASN A 22 -13.97 -5.96 10.47
C ASN A 22 -13.11 -6.33 11.72
N GLU A 23 -13.43 -5.85 12.93
CA GLU A 23 -12.45 -6.10 14.01
C GLU A 23 -12.87 -6.58 15.41
N TRP A 40 -3.00 4.94 18.34
CA TRP A 40 -3.38 5.87 17.28
C TRP A 40 -2.69 5.69 15.91
N ASP A 41 -1.41 5.29 15.88
CA ASP A 41 -0.61 5.15 14.64
C ASP A 41 -0.94 3.93 13.75
N THR A 42 -0.47 4.01 12.49
CA THR A 42 -0.59 2.89 11.52
C THR A 42 0.70 2.50 10.69
N PRO A 43 0.89 1.21 10.35
CA PRO A 43 1.88 0.87 9.33
C PRO A 43 1.75 1.61 7.99
N GLU A 44 2.89 1.94 7.39
CA GLU A 44 2.86 2.45 6.05
C GLU A 44 3.35 1.38 5.10
N VAL A 45 2.99 1.54 3.82
CA VAL A 45 3.70 1.01 2.67
C VAL A 45 5.13 0.63 3.03
N GLY A 46 5.54 -0.63 2.84
CA GLY A 46 6.95 -0.98 3.03
C GLY A 46 7.56 -1.11 4.42
N ASP A 47 6.79 -0.83 5.48
CA ASP A 47 7.23 -1.04 6.89
C ASP A 47 7.45 -2.49 7.23
N GLU A 48 8.23 -2.78 8.27
CA GLU A 48 8.48 -4.16 8.60
C GLU A 48 7.52 -4.62 9.72
N VAL A 49 6.42 -5.27 9.32
CA VAL A 49 5.34 -5.63 10.26
C VAL A 49 5.59 -6.98 10.90
N GLU A 50 5.21 -7.13 12.16
CA GLU A 50 5.27 -8.44 12.78
C GLU A 50 3.84 -8.76 13.11
N VAL A 51 3.39 -9.94 12.71
CA VAL A 51 1.98 -10.29 12.99
C VAL A 51 1.86 -11.74 13.52
N HIS A 52 0.84 -11.98 14.33
CA HIS A 52 0.28 -13.33 14.42
C HIS A 52 -0.92 -13.47 13.47
N TYR A 53 -0.96 -14.58 12.75
CA TYR A 53 -2.11 -14.90 11.93
C TYR A 53 -2.57 -16.35 12.16
N THR A 54 -3.50 -16.81 11.33
CA THR A 54 -4.17 -18.10 11.41
C THR A 54 -5.34 -18.16 10.40
N PHE A 73 4.19 -13.59 12.28
CA PHE A 73 5.50 -13.30 11.69
C PHE A 73 5.32 -13.24 10.16
N LYS A 74 6.02 -12.35 9.42
CA LYS A 74 6.80 -11.12 9.82
C LYS A 74 7.52 -10.58 8.55
N PHE A 75 6.97 -9.53 7.94
CA PHE A 75 7.32 -9.24 6.55
C PHE A 75 7.29 -7.75 6.20
N LYS A 76 7.78 -7.43 5.00
CA LYS A 76 7.64 -6.08 4.43
C LYS A 76 6.23 -5.92 3.79
N LEU A 77 5.40 -5.17 4.52
CA LEU A 77 4.11 -4.72 4.06
C LEU A 77 4.16 -4.29 2.61
N GLY A 78 3.37 -4.96 1.77
CA GLY A 78 2.90 -4.38 0.53
C GLY A 78 3.90 -4.25 -0.57
N GLN A 79 5.05 -4.90 -0.39
CA GLN A 79 6.06 -5.05 -1.42
C GLN A 79 5.64 -6.30 -2.22
N GLY A 80 6.59 -7.21 -2.45
CA GLY A 80 6.25 -8.48 -3.12
C GLY A 80 5.92 -9.58 -2.12
N GLN A 81 5.88 -9.22 -0.84
CA GLN A 81 6.20 -10.16 0.28
C GLN A 81 5.17 -11.22 0.77
N VAL A 82 3.86 -10.91 0.71
CA VAL A 82 2.81 -11.95 0.82
C VAL A 82 1.99 -12.05 -0.47
N ILE A 83 1.20 -13.12 -0.58
CA ILE A 83 0.14 -13.24 -1.62
C ILE A 83 -0.61 -11.89 -1.76
N LYS A 84 -0.38 -11.18 -2.87
CA LYS A 84 -0.75 -9.74 -3.04
C LYS A 84 -2.13 -9.33 -2.47
N GLY A 85 -2.94 -10.35 -2.18
CA GLY A 85 -4.08 -10.26 -1.25
C GLY A 85 -3.82 -9.43 0.03
N TRP A 86 -3.69 -10.10 1.20
CA TRP A 86 -4.04 -9.45 2.50
C TRP A 86 -3.20 -8.35 3.11
N ASP A 87 -2.07 -8.06 2.47
CA ASP A 87 -1.23 -6.89 2.80
C ASP A 87 -2.06 -5.62 2.97
N GLN A 88 -2.99 -5.44 2.03
CA GLN A 88 -3.60 -4.18 1.65
C GLN A 88 -4.60 -3.65 2.66
N GLY A 89 -4.67 -4.32 3.81
CA GLY A 89 -5.52 -3.92 4.92
C GLY A 89 -4.81 -3.87 6.26
N ILE A 90 -3.57 -4.40 6.32
CA ILE A 90 -2.73 -4.30 7.52
C ILE A 90 -2.34 -2.85 7.80
N LYS A 91 -2.38 -2.03 6.75
CA LYS A 91 -1.99 -0.63 6.80
C LYS A 91 -3.04 0.30 7.40
N THR A 92 -4.20 -0.23 7.77
CA THR A 92 -5.22 0.51 8.53
C THR A 92 -5.22 0.00 9.98
N MET A 93 -4.45 -1.06 10.23
CA MET A 93 -4.36 -1.70 11.55
C MET A 93 -3.56 -0.86 12.55
N LYS A 94 -3.92 -0.98 13.82
CA LYS A 94 -3.10 -0.40 14.89
C LYS A 94 -2.28 -1.50 15.60
N LYS A 95 -1.31 -1.05 16.42
CA LYS A 95 -0.40 -1.93 17.15
C LYS A 95 -1.14 -3.06 17.89
N GLY A 96 -1.59 -2.87 19.15
CA GLY A 96 -2.42 -3.91 19.86
C GLY A 96 -3.46 -4.70 19.01
N GLU A 97 -3.92 -4.04 17.93
CA GLU A 97 -5.14 -4.41 17.21
C GLU A 97 -5.17 -5.80 16.60
N ASN A 98 -6.40 -6.24 16.44
CA ASN A 98 -6.81 -7.62 16.21
C ASN A 98 -7.92 -7.50 15.17
N ALA A 99 -7.57 -7.75 13.89
CA ALA A 99 -8.56 -7.75 12.79
C ALA A 99 -8.76 -9.12 12.19
N LEU A 100 -9.94 -9.30 11.62
CA LEU A 100 -10.21 -10.49 10.90
C LEU A 100 -10.45 -10.09 9.41
N PHE A 101 -9.50 -10.42 8.54
CA PHE A 101 -9.60 -10.09 7.14
C PHE A 101 -10.33 -11.17 6.34
N THR A 102 -11.25 -10.78 5.45
CA THR A 102 -11.98 -11.79 4.69
C THR A 102 -11.66 -11.66 3.21
N ILE A 103 -11.08 -12.72 2.63
CA ILE A 103 -10.70 -12.70 1.19
C ILE A 103 -11.59 -13.70 0.41
N PRO A 104 -12.20 -13.27 -0.73
CA PRO A 104 -13.04 -14.19 -1.53
C PRO A 104 -12.21 -14.94 -2.59
N LEU A 124 -11.47 -17.03 2.02
CA LEU A 124 -10.52 -17.26 3.14
C LEU A 124 -10.60 -16.23 4.24
N GLN A 125 -10.44 -16.64 5.49
CA GLN A 125 -10.34 -15.71 6.63
C GLN A 125 -9.00 -15.69 7.33
N PHE A 126 -8.61 -14.53 7.86
CA PHE A 126 -7.33 -14.35 8.55
C PHE A 126 -7.46 -13.52 9.83
N ASP A 127 -7.38 -14.23 10.97
CA ASP A 127 -7.25 -13.57 12.26
C ASP A 127 -5.79 -13.09 12.45
N VAL A 128 -5.66 -11.77 12.28
CA VAL A 128 -4.40 -11.05 12.27
C VAL A 128 -4.27 -10.18 13.53
N GLU A 129 -3.25 -10.52 14.33
CA GLU A 129 -2.80 -9.64 15.40
C GLU A 129 -1.58 -8.86 14.87
N LEU A 130 -1.72 -7.56 14.65
CA LEU A 130 -0.55 -6.76 14.31
C LEU A 130 0.22 -6.60 15.61
N LEU A 131 1.44 -7.12 15.66
CA LEU A 131 2.16 -7.05 16.93
C LEU A 131 2.91 -5.70 17.01
N SER A 132 4.06 -5.60 16.35
CA SER A 132 4.66 -4.31 16.06
C SER A 132 4.92 -4.03 14.56
N TRP A 133 5.60 -2.93 14.30
CA TRP A 133 6.37 -2.69 13.07
C TRP A 133 7.63 -1.87 13.38
N THR A 134 8.49 -1.74 12.38
CA THR A 134 9.56 -0.75 12.30
C THR A 134 9.40 -0.01 10.96
N SER A 135 9.32 1.31 10.98
CA SER A 135 9.18 2.10 9.75
C SER A 135 10.45 1.95 8.90
N VAL A 136 10.29 2.04 7.57
CA VAL A 136 11.45 2.10 6.64
C VAL A 136 11.24 3.23 5.62
N ARG A 137 12.24 4.13 5.52
CA ARG A 137 12.14 5.41 4.86
C ARG A 137 13.12 5.58 3.75
N ASP A 138 12.63 5.97 2.59
CA ASP A 138 13.52 6.18 1.50
C ASP A 138 13.90 7.65 1.44
N ILE A 139 14.88 7.97 2.29
CA ILE A 139 15.12 9.37 2.64
C ILE A 139 15.74 10.19 1.58
N ALA A 140 16.49 9.57 0.66
CA ALA A 140 17.02 10.34 -0.45
C ALA A 140 16.04 10.38 -1.68
N LYS A 141 15.02 9.53 -1.61
CA LYS A 141 13.96 9.41 -2.64
C LYS A 141 14.66 8.74 -3.83
N ASP A 142 15.35 7.64 -3.56
CA ASP A 142 16.41 7.26 -4.45
C ASP A 142 16.61 5.76 -4.36
N GLY A 143 16.07 5.17 -3.31
CA GLY A 143 16.51 3.88 -2.76
C GLY A 143 18.01 3.96 -2.37
N GLY A 144 18.57 5.16 -2.42
CA GLY A 144 20.01 5.41 -2.02
C GLY A 144 20.30 5.19 -0.55
N ILE A 145 19.31 5.49 0.27
CA ILE A 145 19.42 5.28 1.71
C ILE A 145 18.09 4.89 2.15
N PHE A 146 17.97 3.74 2.71
CA PHE A 146 16.77 3.38 3.39
C PHE A 146 17.06 3.45 4.87
N LYS A 147 16.30 4.31 5.57
CA LYS A 147 16.34 4.42 7.00
C LYS A 147 15.31 3.57 7.71
N LYS A 148 15.78 2.63 8.52
CA LYS A 148 14.93 1.72 9.33
C LYS A 148 15.04 2.12 10.80
N ILE A 149 13.93 2.53 11.40
CA ILE A 149 13.87 3.16 12.74
C ILE A 149 13.62 2.02 13.64
N LEU A 150 14.59 1.71 14.49
CA LEU A 150 14.58 0.68 15.37
C LEU A 150 14.23 1.21 16.81
N LYS A 151 14.46 2.53 17.06
CA LYS A 151 13.91 3.15 18.25
C LYS A 151 13.45 4.49 17.82
N GLU A 152 12.23 4.88 18.14
CA GLU A 152 11.73 6.23 17.78
C GLU A 152 12.31 7.18 18.77
N GLY A 153 12.66 8.36 18.28
CA GLY A 153 13.23 9.37 19.10
C GLY A 153 12.17 10.25 19.71
N ASP A 154 12.62 11.32 20.31
CA ASP A 154 11.70 12.19 21.04
C ASP A 154 11.22 13.48 20.35
N LYS A 155 9.96 13.81 20.60
CA LYS A 155 9.41 15.12 20.26
C LYS A 155 9.28 15.18 18.72
N TRP A 156 9.74 16.23 18.08
CA TRP A 156 9.44 16.40 16.69
C TRP A 156 10.52 17.12 15.87
N GLU A 157 11.47 17.75 16.49
CA GLU A 157 12.50 18.43 15.74
C GLU A 157 13.52 17.44 15.21
N ASN A 158 14.04 17.78 14.04
CA ASN A 158 15.20 17.22 13.43
C ASN A 158 16.23 18.32 13.39
N PRO A 159 17.50 18.01 13.58
CA PRO A 159 18.58 18.96 13.44
C PRO A 159 18.86 19.43 12.01
N LYS A 160 19.57 20.51 11.87
CA LYS A 160 19.68 21.17 10.56
C LYS A 160 21.06 21.33 10.26
N ASP A 161 21.34 21.65 9.01
CA ASP A 161 22.72 21.78 8.53
C ASP A 161 23.69 22.41 9.42
N PRO A 162 23.34 23.58 10.00
CA PRO A 162 24.33 24.32 10.81
C PRO A 162 24.53 23.70 12.29
N ASP A 163 23.57 22.92 12.76
CA ASP A 163 23.61 22.09 14.01
C ASP A 163 24.83 21.29 14.21
N GLU A 164 25.31 21.34 15.44
CA GLU A 164 26.34 20.39 15.89
C GLU A 164 25.61 19.12 16.53
N VAL A 165 25.62 17.97 15.88
CA VAL A 165 24.89 16.77 16.35
C VAL A 165 25.89 15.87 17.05
N PHE A 166 25.38 15.04 17.96
CA PHE A 166 26.19 14.04 18.65
C PHE A 166 25.60 12.63 18.41
N VAL A 167 26.43 11.74 17.89
CA VAL A 167 25.89 10.57 17.35
C VAL A 167 26.80 9.37 17.74
N LYS A 168 26.28 8.14 17.59
CA LYS A 168 27.05 6.89 17.67
C LYS A 168 26.64 6.14 16.42
N TYR A 169 27.52 5.36 15.84
CA TYR A 169 27.15 4.58 14.64
C TYR A 169 28.09 3.47 14.52
N GLU A 170 27.74 2.52 13.70
CA GLU A 170 28.67 1.46 13.39
C GLU A 170 28.42 1.14 11.97
N ALA A 171 29.44 1.20 11.13
CA ALA A 171 29.24 1.08 9.73
C ALA A 171 29.83 -0.25 9.27
N ARG A 172 29.06 -0.97 8.49
CA ARG A 172 29.48 -2.25 8.16
C ARG A 172 29.43 -2.40 6.69
N LEU A 173 30.24 -3.36 6.20
CA LEU A 173 29.95 -3.86 4.80
C LEU A 173 28.71 -4.79 4.83
N GLU A 174 28.18 -5.15 3.64
CA GLU A 174 27.02 -6.04 3.53
C GLU A 174 27.17 -7.41 4.26
N ASP A 175 28.43 -7.81 4.45
CA ASP A 175 28.80 -9.12 4.98
C ASP A 175 29.10 -9.04 6.44
N GLY A 176 28.75 -7.84 6.96
CA GLY A 176 28.71 -7.57 8.36
C GLY A 176 30.03 -7.15 8.89
N THR A 177 31.00 -6.92 8.01
CA THR A 177 32.38 -6.45 8.35
C THR A 177 32.35 -5.03 8.85
N VAL A 178 32.77 -4.81 10.09
CA VAL A 178 32.80 -3.44 10.64
C VAL A 178 33.92 -2.62 10.01
N VAL A 179 33.60 -1.54 9.38
CA VAL A 179 34.64 -0.68 8.82
C VAL A 179 34.90 0.64 9.64
N SER A 180 33.86 1.12 10.27
CA SER A 180 34.05 2.31 11.03
C SER A 180 33.06 2.33 12.18
N LYS A 181 33.37 2.99 13.27
CA LYS A 181 32.44 2.87 14.38
C LYS A 181 32.66 3.99 15.30
N SER A 182 31.62 4.43 15.96
CA SER A 182 31.97 5.42 16.95
C SER A 182 30.98 5.34 18.11
N GLU A 183 31.45 5.67 19.30
CA GLU A 183 30.67 5.65 20.53
C GLU A 183 30.27 6.99 20.94
N GLY A 184 30.42 7.97 20.12
CA GLY A 184 29.84 9.28 20.43
C GLY A 184 30.76 10.24 19.74
N VAL A 185 30.23 11.05 18.84
CA VAL A 185 31.05 12.01 18.08
C VAL A 185 30.12 13.05 17.64
N GLU A 186 30.55 14.29 17.80
CA GLU A 186 29.92 15.43 17.34
C GLU A 186 30.45 15.95 15.94
N PHE A 187 29.59 16.50 15.11
CA PHE A 187 30.02 17.15 13.90
C PHE A 187 28.97 18.18 13.58
N THR A 188 29.34 19.16 12.74
CA THR A 188 28.39 20.15 12.24
C THR A 188 27.73 19.35 11.09
N VAL A 189 26.40 19.32 11.03
CA VAL A 189 25.75 18.52 10.04
C VAL A 189 26.15 18.87 8.55
N LYS A 190 26.28 20.17 8.18
CA LYS A 190 26.62 20.48 6.79
C LYS A 190 28.04 20.02 6.45
N ASP A 191 28.91 19.83 7.46
CA ASP A 191 30.34 19.39 7.20
C ASP A 191 30.36 17.87 6.95
N GLY A 192 29.33 17.20 7.35
CA GLY A 192 29.30 15.80 7.31
C GLY A 192 30.19 15.08 8.29
N HIS A 193 30.08 13.78 8.19
CA HIS A 193 30.87 12.84 8.90
C HIS A 193 30.72 11.45 8.31
N LEU A 194 31.81 10.75 8.23
CA LEU A 194 31.86 9.43 7.67
C LEU A 194 31.60 9.39 6.17
N CYS A 195 30.37 9.47 5.79
CA CYS A 195 30.04 9.43 4.43
C CYS A 195 28.80 10.26 4.26
N PRO A 196 28.44 10.59 3.04
CA PRO A 196 27.23 11.36 2.76
C PRO A 196 25.96 10.93 3.48
N ALA A 197 25.71 9.65 3.62
CA ALA A 197 24.58 9.13 4.32
C ALA A 197 24.31 9.66 5.75
N LEU A 198 25.34 9.85 6.55
CA LEU A 198 25.14 10.29 7.90
C LEU A 198 24.43 11.64 7.97
N ALA A 199 25.02 12.67 7.40
CA ALA A 199 24.39 14.01 7.41
C ALA A 199 22.91 13.94 6.99
N LYS A 200 22.63 13.19 5.93
CA LYS A 200 21.30 13.03 5.40
C LYS A 200 20.42 12.29 6.37
N ALA A 201 20.87 11.21 6.96
CA ALA A 201 20.04 10.50 7.89
C ALA A 201 19.65 11.33 9.09
N VAL A 202 20.60 11.96 9.73
CA VAL A 202 20.31 12.76 10.89
C VAL A 202 19.35 13.94 10.70
N LYS A 203 19.28 14.46 9.51
CA LYS A 203 18.44 15.57 9.18
C LYS A 203 16.99 15.18 9.14
N THR A 204 16.72 13.89 9.25
CA THR A 204 15.40 13.32 9.32
C THR A 204 15.08 12.67 10.64
N MET A 205 16.02 12.67 11.55
CA MET A 205 15.93 11.86 12.74
C MET A 205 15.51 12.70 13.94
N LYS A 206 14.75 12.10 14.85
CA LYS A 206 14.45 12.80 16.13
C LYS A 206 15.53 12.46 17.14
N LYS A 207 15.49 13.21 18.25
CA LYS A 207 16.43 13.12 19.33
C LYS A 207 16.25 11.77 19.93
N GLY A 208 17.33 10.98 20.00
CA GLY A 208 17.28 9.64 20.53
C GLY A 208 16.79 8.64 19.45
N GLU A 209 16.46 9.09 18.25
CA GLU A 209 16.12 8.11 17.19
C GLU A 209 17.34 7.13 17.00
N LYS A 210 17.05 5.81 16.96
CA LYS A 210 18.11 4.81 16.63
C LYS A 210 17.63 4.11 15.39
N VAL A 211 18.51 4.09 14.37
CA VAL A 211 18.22 3.54 13.02
C VAL A 211 19.24 2.52 12.50
N LEU A 212 18.85 1.81 11.46
CA LEU A 212 19.82 1.02 10.63
C LEU A 212 19.65 1.54 9.23
N LEU A 213 20.77 1.88 8.61
CA LEU A 213 20.71 2.56 7.31
C LEU A 213 21.30 1.59 6.30
N ALA A 214 20.65 1.43 5.15
CA ALA A 214 21.10 0.52 4.07
C ALA A 214 21.55 1.45 3.02
N VAL A 215 22.87 1.55 2.86
CA VAL A 215 23.38 2.62 2.03
C VAL A 215 24.01 2.08 0.78
N LYS A 216 23.64 2.75 -0.31
CA LYS A 216 24.22 2.51 -1.60
C LYS A 216 25.39 3.47 -1.80
N PRO A 217 26.38 2.99 -2.62
CA PRO A 217 27.65 3.54 -2.93
C PRO A 217 27.71 5.07 -3.06
N GLN A 218 26.72 5.68 -3.71
CA GLN A 218 26.80 7.08 -3.96
C GLN A 218 26.68 7.90 -2.68
N TYR A 219 26.09 7.30 -1.66
CA TYR A 219 25.96 7.93 -0.34
C TYR A 219 26.91 7.32 0.71
N GLY A 220 27.67 6.31 0.23
CA GLY A 220 28.75 5.64 0.96
C GLY A 220 30.03 6.26 0.52
N PHE A 221 30.91 5.50 -0.12
CA PHE A 221 32.16 6.22 -0.57
C PHE A 221 32.47 6.18 -2.00
N GLY A 222 31.49 5.75 -2.77
CA GLY A 222 31.45 5.98 -4.19
C GLY A 222 32.24 4.90 -4.89
N GLU A 223 33.06 5.40 -5.81
CA GLU A 223 33.90 4.72 -6.77
C GLU A 223 35.33 4.54 -6.29
N MET A 224 35.83 5.55 -5.61
CA MET A 224 37.09 5.68 -4.94
C MET A 224 37.18 4.66 -3.72
N GLY A 225 36.04 4.22 -3.24
CA GLY A 225 35.90 3.64 -1.93
C GLY A 225 36.82 4.27 -0.94
N ARG A 226 37.30 3.42 -0.06
CA ARG A 226 37.99 4.06 1.01
C ARG A 226 39.03 3.08 1.43
N PRO A 227 40.28 3.56 1.57
CA PRO A 227 41.32 2.76 2.10
C PRO A 227 41.27 2.56 3.63
N ALA A 228 41.90 1.47 4.07
CA ALA A 228 42.15 1.05 5.44
C ALA A 228 43.22 1.97 5.89
N ALA A 229 42.96 2.78 6.89
CA ALA A 229 44.02 3.52 7.53
C ALA A 229 44.19 3.14 9.06
N GLY A 230 43.41 3.71 9.98
CA GLY A 230 43.09 3.04 11.36
C GLY A 230 42.16 4.11 11.98
N GLU A 231 40.98 3.81 12.54
CA GLU A 231 40.48 2.43 12.73
C GLU A 231 39.60 1.90 11.58
N GLY A 232 39.67 2.55 10.39
CA GLY A 232 39.62 1.88 9.05
C GLY A 232 39.12 0.44 8.83
N GLY A 233 38.21 0.31 7.91
CA GLY A 233 38.07 -0.95 7.18
C GLY A 233 38.18 -0.25 5.83
N ALA A 234 38.92 -0.88 4.92
CA ALA A 234 38.82 -0.53 3.55
C ALA A 234 37.35 -0.69 3.15
N VAL A 235 36.85 0.33 2.46
CA VAL A 235 35.60 0.12 1.75
C VAL A 235 35.95 -0.11 0.25
N PRO A 236 35.61 -1.31 -0.30
CA PRO A 236 35.80 -1.54 -1.70
C PRO A 236 35.04 -0.49 -2.49
N PRO A 237 35.72 0.28 -3.41
CA PRO A 237 34.99 0.94 -4.50
C PRO A 237 33.64 0.25 -4.75
N ASN A 238 32.58 1.09 -4.86
CA ASN A 238 31.23 0.65 -5.20
C ASN A 238 30.48 -0.34 -4.26
N ALA A 239 30.93 -0.47 -3.00
CA ALA A 239 30.22 -1.24 -1.91
C ALA A 239 29.08 -0.49 -1.34
N SER A 240 28.05 -1.24 -0.94
CA SER A 240 26.98 -0.81 -0.10
C SER A 240 27.37 -1.05 1.35
N LEU A 241 26.70 -0.32 2.27
CA LEU A 241 27.07 -0.16 3.66
C LEU A 241 25.83 -0.36 4.49
N VAL A 242 25.99 -0.87 5.71
CA VAL A 242 24.83 -1.02 6.62
C VAL A 242 25.34 -0.30 7.88
N ILE A 243 24.61 0.71 8.35
CA ILE A 243 25.07 1.63 9.44
C ILE A 243 24.00 1.67 10.53
N ASP A 244 24.35 1.26 11.76
CA ASP A 244 23.63 1.65 12.94
C ASP A 244 23.96 3.09 13.24
N LEU A 245 22.93 3.90 13.49
CA LEU A 245 23.18 5.26 13.71
C LEU A 245 22.23 5.64 14.85
N GLU A 246 22.73 6.38 15.81
CA GLU A 246 21.86 6.90 16.86
C GLU A 246 22.17 8.42 16.85
N LEU A 247 21.13 9.22 16.75
CA LEU A 247 21.19 10.64 17.00
C LEU A 247 20.93 10.87 18.50
N VAL A 248 21.97 11.16 19.25
CA VAL A 248 21.81 11.32 20.71
C VAL A 248 21.15 12.68 21.11
N SER A 249 21.68 13.75 20.59
CA SER A 249 21.36 15.07 20.97
C SER A 249 22.05 15.96 19.96
N TRP A 250 21.74 17.25 20.00
CA TRP A 250 22.35 18.32 19.23
C TRP A 250 22.19 19.69 19.88
N LYS A 251 22.90 20.64 19.32
CA LYS A 251 22.86 22.06 19.71
C LYS A 251 22.63 22.81 18.39
N THR A 252 21.58 23.63 18.50
CA THR A 252 21.08 24.46 17.50
C THR A 252 22.06 25.62 17.29
N VAL A 253 22.57 25.68 16.06
CA VAL A 253 23.24 26.83 15.49
C VAL A 253 22.32 27.57 14.57
N THR A 254 22.12 28.80 14.95
CA THR A 254 21.55 29.81 14.00
C THR A 254 22.68 30.70 13.26
N GLU A 255 22.46 31.13 12.02
CA GLU A 255 23.45 31.91 11.29
C GLU A 255 23.04 33.27 11.36
N ILE A 256 23.89 34.14 11.92
CA ILE A 256 23.36 35.48 12.22
C ILE A 256 24.05 36.58 11.32
N GLY A 257 23.39 37.72 11.18
CA GLY A 257 23.79 38.79 10.26
C GLY A 257 23.11 38.66 8.92
N ASP A 258 23.12 39.74 8.15
CA ASP A 258 22.64 39.78 6.76
C ASP A 258 23.33 38.65 5.98
N ASP A 259 24.63 38.70 6.08
CA ASP A 259 25.69 37.72 5.89
C ASP A 259 25.56 36.24 6.19
N LYS A 260 24.91 35.93 7.29
CA LYS A 260 24.98 34.68 8.02
C LYS A 260 26.32 34.31 8.47
N LYS A 261 27.22 35.24 8.64
CA LYS A 261 28.58 34.84 8.97
C LYS A 261 28.79 34.56 10.49
N ILE A 262 27.88 35.01 11.32
CA ILE A 262 28.00 34.92 12.74
C ILE A 262 27.18 33.61 13.05
N LEU A 263 27.87 32.65 13.61
CA LEU A 263 27.25 31.40 14.21
C LEU A 263 26.85 31.54 15.69
N LYS A 264 25.59 31.37 16.00
CA LYS A 264 25.13 31.32 17.40
C LYS A 264 24.68 29.87 17.81
N LYS A 265 25.56 29.19 18.61
CA LYS A 265 25.26 27.79 19.09
C LYS A 265 24.58 27.81 20.46
N VAL A 266 23.28 27.56 20.56
CA VAL A 266 22.64 27.48 21.89
C VAL A 266 23.24 26.32 22.78
N LEU A 267 23.89 26.73 23.92
CA LEU A 267 24.38 25.78 25.03
C LEU A 267 23.27 25.47 26.05
N LYS A 268 22.59 26.51 26.44
CA LYS A 268 21.50 26.44 27.34
C LYS A 268 20.40 27.26 26.79
N GLU A 269 19.26 26.64 26.56
CA GLU A 269 18.10 27.38 26.15
C GLU A 269 17.55 28.30 27.19
N UNK A 270 17.23 29.49 26.79
CA UNK A 270 16.58 30.41 27.67
C UNK A 270 15.08 30.21 27.84
N GLU A 271 14.45 31.15 28.47
CA GLU A 271 13.06 30.99 28.85
C GLU A 271 12.20 31.85 27.99
N GLY A 272 10.92 31.50 27.94
CA GLY A 272 9.89 31.93 26.94
C GLY A 272 9.93 33.17 26.02
N TYR A 273 10.18 32.87 24.74
CA TYR A 273 9.78 33.72 23.57
C TYR A 273 10.44 35.10 23.37
N GLU A 274 10.42 35.96 24.38
CA GLU A 274 10.89 37.32 24.23
C GLU A 274 12.43 37.45 24.10
N ARG A 275 12.89 38.46 23.35
CA ARG A 275 14.26 38.61 22.87
C ARG A 275 14.52 40.07 22.96
N PRO A 276 15.75 40.51 23.28
CA PRO A 276 15.81 41.97 23.29
C PRO A 276 15.57 42.51 21.90
N ASN A 277 15.16 43.76 21.91
CA ASN A 277 14.97 44.50 20.70
C ASN A 277 16.04 45.57 20.69
N GLU A 278 16.10 46.29 19.56
CA GLU A 278 17.15 47.18 19.24
C GLU A 278 16.92 48.24 20.28
N GLY A 279 17.99 48.86 20.82
CA GLY A 279 17.92 49.72 22.02
C GLY A 279 17.62 49.08 23.40
N ALA A 280 17.23 47.80 23.49
CA ALA A 280 17.13 47.17 24.85
C ALA A 280 18.42 47.31 25.68
N VAL A 281 18.26 47.56 26.95
CA VAL A 281 19.35 47.40 27.88
C VAL A 281 19.35 45.94 28.41
N VAL A 282 20.49 45.36 28.28
CA VAL A 282 20.75 43.92 28.34
C VAL A 282 21.77 43.71 29.40
N THR A 283 21.52 42.83 30.34
CA THR A 283 22.65 42.37 31.25
C THR A 283 23.35 41.01 30.85
N VAL A 284 24.66 40.99 30.61
CA VAL A 284 25.18 39.76 30.06
C VAL A 284 26.45 39.30 30.81
N LYS A 285 26.81 37.98 30.74
CA LYS A 285 28.09 37.54 31.18
C LYS A 285 28.72 37.08 29.86
N ILE A 286 29.96 37.45 29.67
CA ILE A 286 30.62 37.07 28.50
C ILE A 286 32.00 36.63 28.77
N THR A 287 32.32 35.60 28.01
CA THR A 287 33.63 35.15 27.94
C THR A 287 34.12 35.04 26.50
N GLY A 288 35.23 35.72 26.18
CA GLY A 288 35.72 35.65 24.82
C GLY A 288 36.96 34.78 24.73
N LYS A 289 37.03 33.95 23.69
CA LYS A 289 38.23 33.10 23.44
C LYS A 289 38.72 33.12 22.00
N LEU A 290 39.99 32.84 21.83
CA LEU A 290 40.46 32.69 20.49
C LEU A 290 40.07 31.22 20.15
N GLN A 291 40.28 30.83 18.91
CA GLN A 291 39.89 29.50 18.45
C GLN A 291 40.70 28.33 18.98
N ASP A 292 41.83 28.58 19.60
CA ASP A 292 42.60 27.58 20.26
C ASP A 292 42.21 27.54 21.74
N GLY A 293 41.11 28.18 22.10
CA GLY A 293 40.62 28.28 23.43
C GLY A 293 41.30 29.24 24.34
N THR A 294 42.16 30.14 23.87
CA THR A 294 42.67 31.08 24.89
C THR A 294 41.68 32.15 25.30
N VAL A 295 41.33 32.26 26.59
CA VAL A 295 40.49 33.37 27.15
C VAL A 295 41.18 34.74 27.01
N PHE A 296 40.57 35.70 26.36
CA PHE A 296 41.14 37.03 26.29
C PHE A 296 40.27 38.01 27.08
N LEU A 297 39.02 37.67 27.22
CA LEU A 297 38.07 38.50 27.90
C LEU A 297 37.12 37.74 28.79
N LYS A 298 36.98 38.25 29.97
CA LYS A 298 35.87 37.95 30.82
C LYS A 298 35.22 39.17 31.32
N LYS A 299 33.94 39.27 31.19
CA LYS A 299 33.16 40.36 31.66
C LYS A 299 31.74 40.04 32.18
N GLY A 300 31.31 40.72 33.20
CA GLY A 300 30.02 40.55 33.77
C GLY A 300 29.77 39.29 34.57
N HIS A 301 30.80 38.54 34.88
CA HIS A 301 30.68 37.28 35.74
C HIS A 301 30.46 37.69 37.17
N ASP A 302 30.05 36.74 37.98
CA ASP A 302 29.52 37.03 39.36
C ASP A 302 30.60 37.69 40.24
N GLU A 303 31.85 37.28 40.06
CA GLU A 303 32.97 37.81 40.81
C GLU A 303 33.51 39.16 40.29
N GLN A 304 32.77 39.79 39.33
CA GLN A 304 33.14 41.08 38.68
C GLN A 304 31.96 41.97 38.80
N GLU A 305 32.05 43.26 38.51
CA GLU A 305 30.86 44.14 38.48
C GLU A 305 29.97 43.71 37.35
N PRO A 306 28.66 43.92 37.42
CA PRO A 306 27.90 43.38 36.30
C PRO A 306 28.21 44.14 35.01
N PHE A 307 27.77 43.56 33.91
CA PHE A 307 28.08 44.11 32.64
C PHE A 307 26.75 44.26 31.97
N GLU A 308 26.45 45.48 31.51
CA GLU A 308 25.23 45.71 30.88
C GLU A 308 25.58 46.63 29.67
N PHE A 309 24.86 46.48 28.59
CA PHE A 309 25.00 47.41 27.49
C PHE A 309 23.65 47.63 26.84
N LYS A 310 23.56 48.68 26.08
CA LYS A 310 22.35 48.84 25.25
C LYS A 310 22.63 48.27 23.90
N THR A 311 21.69 47.57 23.32
CA THR A 311 21.86 46.86 22.06
C THR A 311 21.56 47.77 20.92
N ASP A 312 22.24 47.48 19.81
CA ASP A 312 22.09 48.24 18.59
C ASP A 312 22.53 49.68 18.67
N GLU A 313 23.72 49.88 19.20
CA GLU A 313 24.32 51.18 19.37
C GLU A 313 25.75 51.05 19.15
N GLU A 314 26.22 49.88 18.63
CA GLU A 314 27.67 49.60 18.67
C GLU A 314 28.27 49.79 20.04
N ALA A 315 27.54 49.35 21.09
CA ALA A 315 28.13 49.38 22.51
C ALA A 315 29.17 48.25 22.71
N VAL A 316 29.10 47.24 21.83
CA VAL A 316 30.04 46.09 21.88
C VAL A 316 30.39 45.71 20.46
N ILE A 317 31.43 44.89 20.25
CA ILE A 317 31.72 44.35 18.91
C ILE A 317 30.40 43.92 18.22
N GLU A 318 30.34 44.00 16.91
CA GLU A 318 29.09 43.79 16.19
C GLU A 318 28.54 42.38 16.38
N GLY A 319 29.40 41.36 16.29
CA GLY A 319 28.80 40.01 16.49
C GLY A 319 28.15 39.64 17.81
N LEU A 320 28.63 40.24 18.86
CA LEU A 320 27.94 40.15 20.15
C LEU A 320 26.59 40.99 20.21
N ASP A 321 26.64 42.19 19.63
CA ASP A 321 25.39 42.93 19.47
C ASP A 321 24.30 42.18 18.69
N ARG A 322 24.66 41.62 17.55
CA ARG A 322 23.69 40.88 16.79
C ARG A 322 23.35 39.59 17.57
N ALA A 323 24.31 38.95 18.16
CA ALA A 323 23.87 37.70 18.89
C ALA A 323 22.85 37.94 19.96
N VAL A 324 23.07 38.88 20.80
CA VAL A 324 22.23 39.04 21.95
C VAL A 324 20.81 39.48 21.56
N LEU A 325 20.67 40.16 20.41
CA LEU A 325 19.32 40.55 19.83
C LEU A 325 18.56 39.27 19.52
N ASN A 326 19.25 38.12 19.44
CA ASN A 326 18.57 36.86 19.02
C ASN A 326 18.56 35.84 20.09
N MET A 327 18.68 36.31 21.30
CA MET A 327 18.84 35.48 22.44
C MET A 327 17.65 35.66 23.38
N LYS A 328 17.25 34.62 24.10
CA LYS A 328 16.23 34.69 25.16
C LYS A 328 16.84 34.81 26.54
N LYS A 329 16.02 35.23 27.53
CA LYS A 329 16.47 35.38 28.91
C LYS A 329 17.00 34.02 29.42
N GLY A 330 18.23 34.04 29.93
CA GLY A 330 18.82 32.92 30.59
C GLY A 330 19.55 32.12 29.53
N GLU A 331 19.58 32.56 28.27
CA GLU A 331 20.18 31.71 27.21
C GLU A 331 21.64 31.79 27.34
N VAL A 332 22.33 30.64 27.16
CA VAL A 332 23.81 30.55 27.10
C VAL A 332 24.09 30.19 25.63
N ALA A 333 24.92 30.94 24.96
CA ALA A 333 25.32 30.69 23.61
C ALA A 333 26.83 30.82 23.43
N LEU A 334 27.36 30.06 22.49
CA LEU A 334 28.66 30.19 21.90
C LEU A 334 28.49 30.90 20.62
N VAL A 335 29.20 32.00 20.48
CA VAL A 335 29.01 32.81 19.32
C VAL A 335 30.34 32.89 18.61
N THR A 336 30.31 32.42 17.37
CA THR A 336 31.50 32.43 16.50
C THR A 336 31.52 33.68 15.62
N ILE A 337 32.53 34.49 15.79
CA ILE A 337 32.50 35.92 15.22
C ILE A 337 33.72 36.16 14.36
N PRO A 338 33.53 36.23 13.03
CA PRO A 338 34.68 36.54 12.16
C PRO A 338 35.22 37.95 12.47
N PRO A 339 36.47 38.21 12.11
CA PRO A 339 37.05 39.48 12.60
C PRO A 339 36.34 40.74 12.14
N GLU A 340 35.68 40.75 11.01
CA GLU A 340 34.92 41.92 10.65
C GLU A 340 33.74 42.24 11.53
N TYR A 341 33.37 41.32 12.39
CA TYR A 341 32.32 41.51 13.35
C TYR A 341 32.80 41.61 14.80
N ALA A 342 34.08 41.56 14.96
CA ALA A 342 34.80 41.54 16.22
C ALA A 342 35.84 42.66 16.33
N TYR A 343 37.10 42.25 16.36
CA TYR A 343 38.20 43.13 16.60
C TYR A 343 38.82 43.72 15.38
N GLY A 344 38.47 43.19 14.20
CA GLY A 344 38.93 43.73 12.96
C GLY A 344 40.44 43.52 12.86
N SER A 345 41.15 44.51 12.26
CA SER A 345 42.50 44.24 11.69
C SER A 345 43.63 44.77 12.56
N THR A 346 43.22 45.25 13.71
CA THR A 346 44.16 45.69 14.73
C THR A 346 43.99 44.87 16.00
N GLU A 347 45.07 44.75 16.73
CA GLU A 347 45.16 43.95 17.91
C GLU A 347 44.38 44.56 19.13
N SER A 348 43.83 43.64 19.92
CA SER A 348 43.12 43.89 21.16
C SER A 348 43.82 43.26 22.37
N LYS A 349 44.50 44.11 23.17
CA LYS A 349 45.33 43.69 24.32
C LYS A 349 44.43 43.44 25.54
N GLN A 350 44.06 42.19 25.74
CA GLN A 350 43.20 41.89 26.82
C GLN A 350 43.90 40.85 27.74
N ASP A 351 43.32 39.66 27.97
CA ASP A 351 43.99 38.80 28.96
C ASP A 351 45.15 38.13 28.23
N ALA A 352 44.88 37.77 26.98
CA ALA A 352 45.90 37.58 25.92
C ALA A 352 45.66 38.72 24.86
N ILE A 353 46.56 38.92 23.90
CA ILE A 353 46.29 39.84 22.78
C ILE A 353 45.38 39.21 21.71
N VAL A 354 44.32 39.91 21.31
CA VAL A 354 43.65 39.44 20.08
C VAL A 354 44.48 39.81 18.86
N PRO A 355 45.11 38.80 18.20
CA PRO A 355 45.89 39.13 17.01
C PRO A 355 44.96 39.61 15.89
N PRO A 356 45.46 40.53 15.02
CA PRO A 356 44.57 41.09 14.02
C PRO A 356 44.01 39.96 13.22
N ASN A 357 42.79 40.13 12.69
CA ASN A 357 42.17 39.12 11.78
C ASN A 357 41.78 37.73 12.45
N SER A 358 41.53 37.76 13.77
CA SER A 358 41.04 36.58 14.57
C SER A 358 39.57 36.38 14.50
N THR A 359 39.14 35.16 14.28
CA THR A 359 37.76 34.86 14.59
C THR A 359 37.77 34.52 16.04
N VAL A 360 36.77 34.96 16.76
CA VAL A 360 36.68 34.88 18.19
C VAL A 360 35.45 34.15 18.56
N ILE A 361 35.47 33.41 19.64
CA ILE A 361 34.32 32.71 20.13
C ILE A 361 33.94 33.30 21.45
N TYR A 362 32.70 33.68 21.54
CA TYR A 362 32.21 34.39 22.66
C TYR A 362 31.19 33.55 23.35
N GLU A 363 31.45 33.19 24.58
CA GLU A 363 30.43 32.58 25.38
C GLU A 363 29.55 33.63 26.00
N VAL A 364 28.29 33.59 25.71
CA VAL A 364 27.41 34.63 26.15
C VAL A 364 26.26 34.13 26.95
N GLU A 365 26.11 34.70 28.11
CA GLU A 365 24.90 34.48 28.89
C GLU A 365 24.00 35.69 28.97
N LEU A 366 22.82 35.58 28.43
CA LEU A 366 21.91 36.66 28.54
C LEU A 366 21.20 36.60 29.85
N VAL A 367 21.70 37.42 30.77
CA VAL A 367 21.14 37.45 32.13
C VAL A 367 19.74 38.08 32.26
N SER A 368 19.61 39.31 31.85
CA SER A 368 18.25 39.78 31.78
C SER A 368 18.25 40.91 30.81
N PHE A 369 17.12 41.55 30.65
CA PHE A 369 17.07 42.74 29.78
C PHE A 369 15.76 43.53 29.97
N VAL A 370 15.77 44.80 29.58
CA VAL A 370 14.54 45.61 29.54
C VAL A 370 14.36 46.11 28.14
N LYS A 371 13.31 45.66 27.49
CA LYS A 371 13.06 46.08 26.09
C LYS A 371 12.90 47.62 26.03
N ASP A 372 13.28 48.17 24.88
CA ASP A 372 13.09 49.57 24.50
C ASP A 372 11.62 50.03 24.66
N GLY B 19 21.77 -16.68 -21.84
CA GLY B 19 21.87 -15.18 -21.94
C GLY B 19 21.09 -14.34 -20.92
N GLU B 20 20.91 -13.06 -21.20
CA GLU B 20 20.18 -12.16 -20.29
C GLU B 20 19.77 -10.81 -20.87
N GLU B 21 19.44 -9.88 -19.98
CA GLU B 21 19.00 -8.51 -20.29
C GLU B 21 19.34 -7.53 -19.17
N ASN B 22 19.22 -6.22 -19.45
CA ASN B 22 19.11 -5.12 -18.46
C ASN B 22 17.89 -4.34 -18.94
N GLU B 23 17.01 -3.93 -18.02
CA GLU B 23 15.90 -3.02 -18.35
C GLU B 23 16.44 -1.88 -19.22
N ILE B 24 15.56 -1.19 -19.97
CA ILE B 24 15.91 0.07 -20.62
C ILE B 24 14.77 1.08 -20.62
N ASP B 41 2.56 -6.41 -14.93
CA ASP B 41 2.34 -7.86 -14.97
C ASP B 41 3.31 -8.53 -15.92
N THR B 42 3.51 -9.85 -15.75
CA THR B 42 4.23 -10.70 -16.71
C THR B 42 3.34 -11.76 -17.43
N PRO B 43 3.52 -11.93 -18.79
CA PRO B 43 2.88 -12.93 -19.66
C PRO B 43 3.23 -14.37 -19.35
N GLU B 44 2.29 -15.27 -19.64
CA GLU B 44 2.44 -16.67 -19.25
C GLU B 44 2.33 -17.55 -20.45
N VAL B 45 2.91 -18.76 -20.38
CA VAL B 45 2.78 -19.78 -21.45
C VAL B 45 1.28 -19.87 -21.79
N GLY B 46 0.96 -19.53 -23.05
CA GLY B 46 -0.42 -19.40 -23.46
C GLY B 46 -0.79 -18.03 -24.00
N ASP B 47 -0.48 -16.99 -23.25
CA ASP B 47 -0.83 -15.63 -23.68
C ASP B 47 -0.25 -15.27 -25.02
N GLU B 48 -0.84 -14.25 -25.58
CA GLU B 48 -0.64 -13.88 -26.94
C GLU B 48 0.05 -12.56 -26.81
N VAL B 49 1.34 -12.59 -27.11
CA VAL B 49 2.12 -11.43 -26.83
C VAL B 49 2.37 -10.61 -28.08
N GLU B 50 2.63 -9.34 -27.81
CA GLU B 50 2.86 -8.35 -28.82
C GLU B 50 4.11 -7.52 -28.44
N VAL B 51 5.12 -7.59 -29.31
CA VAL B 51 6.42 -6.99 -29.03
C VAL B 51 6.84 -6.17 -30.21
N HIS B 52 7.59 -5.11 -29.94
CA HIS B 52 8.48 -4.56 -30.94
C HIS B 52 9.91 -5.04 -30.75
N TYR B 53 10.45 -5.57 -31.83
CA TYR B 53 11.80 -6.09 -31.84
C TYR B 53 12.76 -5.59 -32.94
N THR B 54 14.04 -5.90 -32.69
CA THR B 54 15.17 -5.67 -33.62
C THR B 54 16.19 -6.74 -33.35
N GLY B 55 16.55 -7.49 -34.39
CA GLY B 55 17.68 -8.45 -34.35
C GLY B 55 19.04 -7.74 -34.20
N PHE B 73 4.39 -8.22 -31.70
CA PHE B 73 4.38 -8.37 -33.13
C PHE B 73 4.77 -9.77 -33.54
N LYS B 74 3.85 -10.72 -33.40
CA LYS B 74 2.81 -10.81 -32.37
C LYS B 74 2.69 -12.33 -32.47
N PHE B 75 2.56 -12.99 -31.32
CA PHE B 75 2.88 -14.42 -31.28
C PHE B 75 2.43 -15.02 -29.97
N LYS B 76 2.25 -16.34 -29.94
CA LYS B 76 1.74 -17.13 -28.75
C LYS B 76 2.80 -17.67 -27.79
N LEU B 77 2.93 -17.08 -26.61
CA LEU B 77 4.01 -17.39 -25.69
C LEU B 77 4.12 -18.87 -25.20
N GLY B 78 5.36 -19.36 -25.14
CA GLY B 78 5.63 -20.63 -24.48
C GLY B 78 5.60 -21.87 -25.34
N GLN B 79 5.12 -21.75 -26.58
CA GLN B 79 5.35 -22.74 -27.65
C GLN B 79 6.22 -22.12 -28.71
N GLY B 80 7.03 -22.98 -29.31
CA GLY B 80 8.24 -22.57 -30.00
C GLY B 80 7.87 -22.03 -31.35
N GLN B 81 6.89 -21.13 -31.32
CA GLN B 81 6.48 -20.36 -32.47
C GLN B 81 7.57 -19.31 -32.74
N VAL B 82 8.49 -19.23 -31.78
CA VAL B 82 9.70 -18.38 -31.85
C VAL B 82 10.95 -19.18 -31.38
N ILE B 83 12.14 -18.53 -31.41
CA ILE B 83 13.40 -19.08 -30.89
C ILE B 83 13.25 -19.27 -29.37
N LYS B 84 13.80 -20.33 -28.79
CA LYS B 84 13.76 -20.62 -27.33
C LYS B 84 13.97 -19.45 -26.35
N GLY B 85 14.92 -18.58 -26.65
CA GLY B 85 15.27 -17.46 -25.76
C GLY B 85 14.31 -16.27 -25.84
N TRP B 86 13.55 -16.23 -26.93
CA TRP B 86 12.42 -15.34 -27.06
C TRP B 86 11.33 -15.71 -26.07
N ASP B 87 11.08 -17.02 -25.95
CA ASP B 87 10.13 -17.62 -25.05
C ASP B 87 10.51 -17.32 -23.60
N GLN B 88 11.73 -17.74 -23.20
CA GLN B 88 12.30 -17.58 -21.84
C GLN B 88 12.40 -16.14 -21.29
N GLY B 89 12.53 -15.14 -22.15
CA GLY B 89 12.76 -13.78 -21.67
C GLY B 89 11.74 -12.72 -21.98
N ILE B 90 10.88 -12.99 -22.95
CA ILE B 90 9.69 -12.11 -23.09
C ILE B 90 8.72 -12.47 -21.92
N LYS B 91 8.89 -13.68 -21.38
CA LYS B 91 8.08 -14.26 -20.32
C LYS B 91 8.39 -13.70 -18.90
N THR B 92 9.38 -12.80 -18.84
CA THR B 92 9.94 -12.19 -17.60
C THR B 92 9.80 -10.66 -17.61
N MET B 93 9.16 -10.13 -18.66
CA MET B 93 9.10 -8.70 -18.90
C MET B 93 7.73 -8.14 -18.42
N LYS B 94 7.74 -6.92 -17.88
CA LYS B 94 6.51 -6.17 -17.68
C LYS B 94 6.08 -5.40 -18.95
N LYS B 95 4.83 -4.97 -18.97
CA LYS B 95 4.26 -4.22 -20.09
C LYS B 95 5.07 -2.92 -20.40
N GLY B 96 5.34 -2.64 -21.68
CA GLY B 96 6.17 -1.50 -22.08
C GLY B 96 7.60 -1.53 -21.55
N GLU B 97 8.04 -2.69 -21.02
CA GLU B 97 9.41 -2.87 -20.53
C GLU B 97 10.36 -2.96 -21.71
N ASN B 98 11.31 -2.03 -21.84
CA ASN B 98 12.40 -2.20 -22.81
C ASN B 98 13.31 -3.28 -22.26
N ALA B 99 14.12 -3.91 -23.12
CA ALA B 99 14.96 -5.04 -22.67
C ALA B 99 15.86 -5.64 -23.73
N LEU B 100 17.14 -5.77 -23.40
CA LEU B 100 18.12 -6.32 -24.34
C LEU B 100 18.43 -7.77 -24.15
N PHE B 101 18.15 -8.58 -25.16
CA PHE B 101 18.44 -10.00 -25.01
C PHE B 101 19.67 -10.36 -25.73
N THR B 102 20.50 -11.11 -25.02
CA THR B 102 21.67 -11.64 -25.66
C THR B 102 21.54 -13.14 -25.61
N ILE B 103 21.57 -13.76 -26.78
CA ILE B 103 20.99 -15.07 -26.93
C ILE B 103 22.01 -16.07 -27.45
N PRO B 104 22.52 -16.96 -26.56
CA PRO B 104 23.28 -18.13 -27.05
C PRO B 104 22.79 -18.70 -28.41
N ILE B 118 22.06 -14.45 -40.68
CA ILE B 118 22.22 -15.30 -39.47
C ILE B 118 23.04 -16.59 -39.71
N PRO B 119 24.38 -16.52 -39.49
CA PRO B 119 25.29 -17.68 -39.62
C PRO B 119 25.52 -18.52 -38.32
N ALA B 120 26.13 -19.70 -38.47
CA ALA B 120 26.95 -20.31 -37.39
C ALA B 120 26.34 -20.42 -35.99
N ASN B 121 26.96 -21.30 -35.20
CA ASN B 121 26.98 -21.22 -33.72
C ASN B 121 27.05 -19.76 -33.23
N ALA B 122 26.08 -18.93 -33.70
CA ALA B 122 25.97 -17.49 -33.40
C ALA B 122 25.08 -17.06 -32.22
N THR B 123 25.59 -16.04 -31.54
CA THR B 123 24.92 -15.25 -30.53
C THR B 123 24.21 -14.04 -31.16
N LEU B 124 22.91 -13.96 -30.84
CA LEU B 124 22.00 -12.93 -31.35
C LEU B 124 21.63 -11.97 -30.26
N GLN B 125 21.45 -10.73 -30.68
CA GLN B 125 21.00 -9.69 -29.81
C GLN B 125 19.63 -9.21 -30.34
N PHE B 126 18.65 -9.16 -29.44
CA PHE B 126 17.32 -8.66 -29.74
C PHE B 126 17.01 -7.59 -28.75
N ASP B 127 16.65 -6.44 -29.34
CA ASP B 127 16.26 -5.24 -28.62
C ASP B 127 14.74 -5.40 -28.69
N VAL B 128 14.09 -5.61 -27.54
CA VAL B 128 12.69 -6.10 -27.50
C VAL B 128 11.80 -5.36 -26.49
N GLU B 129 10.83 -4.60 -27.03
CA GLU B 129 9.82 -3.87 -26.24
C GLU B 129 8.49 -4.66 -26.15
N LEU B 130 8.05 -4.91 -24.93
CA LEU B 130 6.78 -5.60 -24.69
C LEU B 130 5.52 -4.68 -24.70
N LEU B 131 4.89 -4.60 -25.88
CA LEU B 131 3.77 -3.70 -26.17
C LEU B 131 2.49 -3.95 -25.36
N SER B 132 2.27 -5.20 -24.91
CA SER B 132 0.99 -5.74 -24.32
C SER B 132 0.98 -7.28 -24.41
N TRP B 133 0.00 -7.92 -23.77
CA TRP B 133 -0.47 -9.26 -24.18
C TRP B 133 -1.95 -9.45 -23.86
N THR B 134 -2.55 -10.46 -24.52
CA THR B 134 -3.94 -10.81 -24.33
C THR B 134 -3.95 -12.23 -23.80
N SER B 135 -4.49 -12.40 -22.60
CA SER B 135 -4.57 -13.65 -21.94
C SER B 135 -5.33 -14.76 -22.66
N VAL B 136 -4.94 -15.96 -22.32
CA VAL B 136 -5.52 -17.12 -22.88
C VAL B 136 -5.41 -18.17 -21.77
N ARG B 137 -6.56 -18.59 -21.23
CA ARG B 137 -6.58 -19.50 -20.10
C ARG B 137 -7.10 -20.88 -20.44
N ASP B 138 -6.26 -21.87 -20.23
CA ASP B 138 -6.67 -23.24 -20.45
C ASP B 138 -7.39 -23.63 -19.16
N ILE B 139 -8.70 -23.46 -19.18
CA ILE B 139 -9.46 -23.39 -17.95
C ILE B 139 -9.83 -24.75 -17.48
N ALA B 140 -9.91 -25.73 -18.39
CA ALA B 140 -10.21 -27.05 -17.88
C ALA B 140 -8.92 -27.81 -17.41
N LYS B 141 -7.77 -27.17 -17.61
CA LYS B 141 -6.42 -27.61 -17.05
C LYS B 141 -5.70 -28.61 -18.03
N ASP B 142 -6.04 -28.45 -19.34
CA ASP B 142 -6.53 -29.56 -20.16
C ASP B 142 -6.42 -29.41 -21.64
N GLY B 143 -6.25 -28.20 -22.13
CA GLY B 143 -6.40 -27.94 -23.54
C GLY B 143 -7.89 -27.98 -24.01
N GLY B 144 -8.78 -28.57 -23.19
CA GLY B 144 -10.22 -28.67 -23.54
C GLY B 144 -10.93 -27.37 -23.99
N ILE B 145 -10.60 -26.26 -23.28
CA ILE B 145 -11.17 -24.92 -23.51
C ILE B 145 -10.11 -23.93 -23.24
N PHE B 146 -9.80 -23.12 -24.27
CA PHE B 146 -8.94 -21.99 -24.17
C PHE B 146 -9.87 -20.84 -24.26
N LYS B 147 -9.94 -20.12 -23.11
CA LYS B 147 -10.55 -18.79 -22.97
C LYS B 147 -9.63 -17.65 -23.32
N LYS B 148 -9.91 -17.03 -24.44
CA LYS B 148 -9.13 -15.85 -24.87
C LYS B 148 -9.90 -14.63 -24.47
N ILE B 149 -9.28 -13.81 -23.63
CA ILE B 149 -9.95 -12.60 -23.15
C ILE B 149 -9.78 -11.49 -24.06
N LEU B 150 -10.86 -11.12 -24.74
CA LEU B 150 -10.90 -9.99 -25.70
C LEU B 150 -11.23 -8.64 -25.03
N LYS B 151 -11.76 -8.71 -23.82
CA LYS B 151 -12.12 -7.53 -23.05
C LYS B 151 -12.28 -7.98 -21.61
N GLU B 152 -11.37 -7.53 -20.75
CA GLU B 152 -11.45 -7.83 -19.30
C GLU B 152 -12.73 -7.16 -18.75
N GLY B 153 -13.31 -7.78 -17.75
CA GLY B 153 -14.53 -7.30 -17.17
C GLY B 153 -14.27 -6.45 -15.97
N ASP B 154 -15.34 -6.01 -15.36
CA ASP B 154 -15.31 -5.15 -14.20
C ASP B 154 -14.99 -5.86 -12.93
N LYS B 155 -14.58 -5.08 -11.96
CA LYS B 155 -14.34 -5.51 -10.61
C LYS B 155 -13.62 -6.79 -10.38
N TRP B 156 -14.14 -7.62 -9.54
CA TRP B 156 -13.35 -8.69 -9.06
C TRP B 156 -14.00 -10.06 -9.13
N GLU B 157 -15.31 -10.13 -8.94
CA GLU B 157 -16.00 -11.40 -8.74
C GLU B 157 -16.46 -12.18 -9.96
N ASN B 158 -16.70 -13.45 -9.75
CA ASN B 158 -16.98 -14.43 -10.75
C ASN B 158 -18.27 -15.16 -10.28
N PRO B 159 -19.22 -15.39 -11.19
CA PRO B 159 -20.46 -16.04 -10.81
C PRO B 159 -20.17 -17.47 -10.41
N LYS B 160 -21.07 -18.10 -9.64
CA LYS B 160 -20.87 -19.46 -9.14
C LYS B 160 -21.97 -20.33 -9.63
N ASP B 161 -21.85 -21.63 -9.40
CA ASP B 161 -22.83 -22.64 -9.83
C ASP B 161 -24.29 -22.28 -9.64
N PRO B 162 -24.65 -21.76 -8.46
CA PRO B 162 -26.04 -21.51 -8.19
C PRO B 162 -26.59 -20.16 -8.86
N ASP B 163 -25.66 -19.27 -9.23
CA ASP B 163 -25.95 -17.99 -9.88
C ASP B 163 -26.72 -18.08 -11.16
N GLU B 164 -27.60 -17.13 -11.28
CA GLU B 164 -28.18 -16.86 -12.55
C GLU B 164 -27.41 -15.79 -13.43
N VAL B 165 -26.80 -16.22 -14.50
CA VAL B 165 -26.02 -15.38 -15.34
C VAL B 165 -26.80 -14.92 -16.54
N PHE B 166 -26.44 -13.74 -17.08
CA PHE B 166 -27.00 -13.27 -18.30
C PHE B 166 -25.93 -13.09 -19.36
N VAL B 167 -26.05 -13.77 -20.49
CA VAL B 167 -24.93 -13.83 -21.41
C VAL B 167 -25.32 -13.62 -22.85
N LYS B 168 -24.36 -13.20 -23.73
CA LYS B 168 -24.57 -13.17 -25.13
C LYS B 168 -23.47 -14.10 -25.67
N TYR B 169 -23.71 -14.82 -26.73
CA TYR B 169 -22.65 -15.69 -27.27
C TYR B 169 -22.94 -15.95 -28.70
N GLU B 170 -21.98 -16.52 -29.38
CA GLU B 170 -22.16 -16.93 -30.78
C GLU B 170 -21.23 -18.06 -30.95
N ALA B 171 -21.77 -19.21 -31.26
CA ALA B 171 -20.93 -20.41 -31.37
C ALA B 171 -20.74 -20.76 -32.85
N ARG B 172 -19.48 -20.89 -33.25
CA ARG B 172 -19.17 -21.23 -34.61
C ARG B 172 -18.45 -22.58 -34.71
N LEU B 173 -18.71 -23.28 -35.83
CA LEU B 173 -17.83 -24.37 -36.20
C LEU B 173 -16.43 -23.83 -36.52
N GLU B 174 -15.44 -24.75 -36.50
CA GLU B 174 -14.11 -24.31 -36.82
C GLU B 174 -14.03 -23.54 -38.17
N ASP B 175 -14.99 -23.81 -39.06
CA ASP B 175 -15.02 -23.15 -40.38
C ASP B 175 -15.81 -21.84 -40.43
N GLY B 176 -16.39 -21.41 -39.30
CA GLY B 176 -17.04 -20.09 -39.16
C GLY B 176 -18.54 -20.15 -39.30
N THR B 177 -19.08 -21.34 -39.60
CA THR B 177 -20.54 -21.53 -39.65
C THR B 177 -21.09 -21.23 -38.27
N VAL B 178 -21.97 -20.24 -38.19
CA VAL B 178 -22.64 -19.97 -36.95
C VAL B 178 -23.61 -21.09 -36.78
N VAL B 179 -23.50 -21.87 -35.74
CA VAL B 179 -24.51 -22.93 -35.44
C VAL B 179 -25.45 -22.51 -34.27
N SER B 180 -25.00 -21.59 -33.44
CA SER B 180 -25.86 -21.14 -32.34
C SER B 180 -25.58 -19.71 -31.94
N LYS B 181 -26.57 -18.96 -31.48
CA LYS B 181 -26.23 -17.63 -31.14
C LYS B 181 -27.25 -17.15 -30.19
N SER B 182 -26.83 -16.22 -29.33
CA SER B 182 -27.83 -15.59 -28.49
C SER B 182 -27.45 -14.18 -28.22
N GLU B 183 -28.44 -13.32 -28.22
CA GLU B 183 -28.32 -11.90 -27.91
C GLU B 183 -28.57 -11.59 -26.48
N GLY B 184 -28.83 -12.59 -25.69
CA GLY B 184 -29.25 -12.40 -24.34
C GLY B 184 -30.07 -13.56 -23.87
N VAL B 185 -29.49 -14.32 -22.97
CA VAL B 185 -30.07 -15.45 -22.33
C VAL B 185 -29.53 -15.60 -20.93
N GLU B 186 -30.42 -15.95 -20.02
CA GLU B 186 -30.13 -16.27 -18.65
C GLU B 186 -30.10 -17.78 -18.37
N PHE B 187 -29.28 -18.25 -17.45
CA PHE B 187 -29.33 -19.67 -17.04
C PHE B 187 -28.65 -19.69 -15.72
N THR B 188 -29.06 -20.66 -14.91
CA THR B 188 -28.39 -20.96 -13.65
C THR B 188 -27.12 -21.68 -14.11
N VAL B 189 -25.98 -21.30 -13.63
CA VAL B 189 -24.74 -21.85 -14.05
C VAL B 189 -24.64 -23.38 -13.94
N LYS B 190 -25.01 -23.93 -12.79
CA LYS B 190 -25.01 -25.35 -12.54
C LYS B 190 -25.80 -26.15 -13.56
N ASP B 191 -26.74 -25.52 -14.24
CA ASP B 191 -27.63 -26.18 -15.19
C ASP B 191 -27.04 -26.18 -16.58
N GLY B 192 -26.16 -25.25 -16.84
CA GLY B 192 -25.45 -25.20 -18.06
C GLY B 192 -26.25 -24.53 -19.11
N HIS B 193 -25.61 -24.28 -20.24
CA HIS B 193 -26.31 -23.74 -21.38
C HIS B 193 -25.52 -23.95 -22.62
N LEU B 194 -26.17 -24.34 -23.68
CA LEU B 194 -25.53 -24.64 -24.91
C LEU B 194 -24.69 -25.89 -24.85
N CYS B 195 -23.57 -25.76 -24.21
CA CYS B 195 -22.59 -26.79 -24.13
C CYS B 195 -21.71 -26.66 -22.87
N PRO B 196 -21.05 -27.73 -22.47
CA PRO B 196 -20.25 -27.69 -21.26
C PRO B 196 -19.34 -26.48 -21.09
N ALA B 197 -18.71 -25.99 -22.15
CA ALA B 197 -17.79 -24.87 -22.11
C ALA B 197 -18.40 -23.57 -21.49
N LEU B 198 -19.69 -23.27 -21.75
CA LEU B 198 -20.30 -21.97 -21.35
C LEU B 198 -20.27 -21.88 -19.81
N ALA B 199 -20.92 -22.80 -19.13
CA ALA B 199 -20.85 -22.95 -17.72
C ALA B 199 -19.41 -22.81 -17.18
N LYS B 200 -18.48 -23.50 -17.79
CA LYS B 200 -17.13 -23.55 -17.30
C LYS B 200 -16.45 -22.22 -17.45
N ALA B 201 -16.59 -21.62 -18.63
CA ALA B 201 -16.08 -20.33 -18.87
C ALA B 201 -16.69 -19.24 -17.98
N VAL B 202 -18.04 -19.13 -17.88
CA VAL B 202 -18.60 -18.03 -17.10
C VAL B 202 -18.05 -17.92 -15.70
N LYS B 203 -17.59 -19.04 -15.16
CA LYS B 203 -17.25 -19.18 -13.76
C LYS B 203 -15.87 -18.69 -13.48
N THR B 204 -15.20 -18.34 -14.55
CA THR B 204 -13.89 -17.81 -14.55
C THR B 204 -13.91 -16.39 -15.07
N MET B 205 -15.09 -15.87 -15.38
CA MET B 205 -15.24 -14.56 -15.96
C MET B 205 -15.71 -13.50 -15.00
N LYS B 206 -15.37 -12.26 -15.31
CA LYS B 206 -15.93 -11.13 -14.59
C LYS B 206 -17.01 -10.48 -15.38
N LYS B 207 -17.69 -9.58 -14.69
CA LYS B 207 -18.80 -8.82 -15.22
C LYS B 207 -18.39 -7.95 -16.38
N GLY B 208 -19.00 -8.18 -17.54
CA GLY B 208 -18.70 -7.45 -18.75
C GLY B 208 -17.53 -8.07 -19.50
N GLU B 209 -16.93 -9.11 -18.93
CA GLU B 209 -15.85 -9.79 -19.63
C GLU B 209 -16.30 -10.36 -21.04
N LYS B 210 -15.55 -10.02 -22.12
CA LYS B 210 -15.79 -10.63 -23.47
C LYS B 210 -14.62 -11.57 -23.91
N VAL B 211 -14.99 -12.79 -24.31
CA VAL B 211 -14.02 -13.82 -24.59
C VAL B 211 -14.29 -14.52 -25.92
N LEU B 212 -13.25 -15.14 -26.47
CA LEU B 212 -13.42 -16.14 -27.50
C LEU B 212 -12.91 -17.45 -26.96
N LEU B 213 -13.78 -18.45 -27.03
CA LEU B 213 -13.47 -19.74 -26.51
C LEU B 213 -13.12 -20.68 -27.63
N ALA B 214 -12.09 -21.49 -27.44
CA ALA B 214 -11.66 -22.44 -28.43
C ALA B 214 -11.96 -23.71 -27.75
N VAL B 215 -12.86 -24.48 -28.31
CA VAL B 215 -13.44 -25.58 -27.55
C VAL B 215 -13.35 -26.81 -28.40
N LYS B 216 -12.71 -27.79 -27.77
CA LYS B 216 -12.65 -29.15 -28.21
C LYS B 216 -13.92 -29.91 -27.79
N PRO B 217 -14.22 -31.04 -28.50
CA PRO B 217 -15.44 -31.79 -28.55
C PRO B 217 -16.00 -32.20 -27.22
N GLN B 218 -15.18 -32.57 -26.27
CA GLN B 218 -15.65 -33.01 -24.96
C GLN B 218 -16.40 -31.92 -24.18
N TYR B 219 -16.05 -30.69 -24.50
CA TYR B 219 -16.69 -29.56 -23.86
C TYR B 219 -17.78 -28.90 -24.72
N GLY B 220 -18.11 -29.59 -25.84
CA GLY B 220 -18.80 -29.02 -26.99
C GLY B 220 -19.86 -30.03 -27.16
N PHE B 221 -19.96 -30.64 -28.33
CA PHE B 221 -21.04 -31.69 -28.24
C PHE B 221 -20.61 -33.14 -28.35
N GLY B 222 -19.31 -33.40 -28.21
CA GLY B 222 -18.74 -34.73 -28.09
C GLY B 222 -19.16 -35.57 -29.25
N GLU B 223 -19.04 -36.88 -29.08
CA GLU B 223 -19.40 -37.93 -30.05
C GLU B 223 -20.63 -37.76 -30.99
N MET B 224 -21.78 -37.77 -30.34
CA MET B 224 -23.09 -37.40 -30.74
C MET B 224 -23.17 -36.19 -31.72
N GLY B 225 -22.19 -35.25 -31.64
CA GLY B 225 -22.33 -33.89 -32.18
C GLY B 225 -23.73 -33.43 -31.93
N ARG B 226 -24.31 -32.57 -32.79
CA ARG B 226 -25.69 -32.09 -32.40
C ARG B 226 -26.58 -31.94 -33.63
N PRO B 227 -27.86 -32.28 -33.54
CA PRO B 227 -28.62 -32.09 -34.75
C PRO B 227 -28.92 -30.58 -35.14
N ALA B 228 -29.69 -30.39 -36.19
CA ALA B 228 -30.11 -29.07 -36.63
C ALA B 228 -31.57 -29.06 -36.27
N ALA B 229 -31.91 -28.11 -35.38
CA ALA B 229 -33.17 -27.46 -35.09
C ALA B 229 -33.79 -26.57 -36.27
N GLY B 230 -34.84 -25.80 -35.99
CA GLY B 230 -34.99 -25.06 -34.76
C GLY B 230 -34.13 -23.89 -35.18
N GLU B 231 -33.63 -23.10 -34.23
CA GLU B 231 -32.68 -22.03 -34.64
C GLU B 231 -31.36 -22.05 -33.88
N GLY B 232 -30.44 -22.97 -34.19
CA GLY B 232 -30.60 -23.92 -35.31
C GLY B 232 -29.56 -24.99 -35.73
N GLY B 233 -28.28 -24.66 -36.04
CA GLY B 233 -27.38 -25.48 -36.99
C GLY B 233 -26.61 -26.71 -36.47
N ALA B 234 -26.34 -27.70 -37.36
CA ALA B 234 -25.83 -29.02 -36.97
C ALA B 234 -24.38 -28.98 -36.51
N VAL B 235 -24.10 -29.60 -35.36
CA VAL B 235 -22.63 -29.74 -35.05
C VAL B 235 -22.12 -31.13 -35.51
N PRO B 236 -21.10 -31.21 -36.43
CA PRO B 236 -20.59 -32.57 -36.70
C PRO B 236 -19.95 -33.27 -35.48
N PRO B 237 -20.38 -34.54 -35.16
CA PRO B 237 -19.66 -35.47 -34.26
C PRO B 237 -18.22 -35.14 -34.20
N ASN B 238 -17.73 -34.92 -32.97
CA ASN B 238 -16.32 -34.71 -32.71
C ASN B 238 -15.68 -33.45 -33.34
N ALA B 239 -16.49 -32.38 -33.52
CA ALA B 239 -15.96 -31.09 -33.89
C ALA B 239 -15.69 -30.24 -32.70
N SER B 240 -14.84 -29.27 -32.98
CA SER B 240 -14.44 -28.21 -32.12
C SER B 240 -15.27 -26.98 -32.48
N LEU B 241 -15.33 -26.00 -31.56
CA LEU B 241 -16.27 -24.87 -31.66
C LEU B 241 -15.44 -23.70 -31.38
N VAL B 242 -15.73 -22.56 -31.98
CA VAL B 242 -15.15 -21.32 -31.60
C VAL B 242 -16.38 -20.48 -31.13
N ILE B 243 -16.26 -19.89 -29.93
CA ILE B 243 -17.43 -19.23 -29.27
C ILE B 243 -17.14 -17.88 -28.73
N ASP B 244 -17.81 -16.86 -29.27
CA ASP B 244 -17.86 -15.55 -28.64
C ASP B 244 -18.80 -15.63 -27.42
N LEU B 245 -18.29 -15.13 -26.29
CA LEU B 245 -19.02 -15.13 -25.10
C LEU B 245 -18.88 -13.81 -24.31
N GLU B 246 -19.99 -13.32 -23.81
CA GLU B 246 -19.95 -12.17 -22.95
C GLU B 246 -20.77 -12.47 -21.76
N LEU B 247 -20.19 -12.20 -20.60
CA LEU B 247 -20.86 -12.26 -19.34
C LEU B 247 -21.33 -10.85 -19.04
N VAL B 248 -22.64 -10.61 -19.16
CA VAL B 248 -23.18 -9.25 -19.07
C VAL B 248 -23.40 -8.98 -17.58
N SER B 249 -24.13 -9.88 -16.89
CA SER B 249 -24.38 -9.68 -15.51
C SER B 249 -24.86 -10.99 -14.94
N TRP B 250 -25.05 -10.98 -13.60
CA TRP B 250 -25.75 -12.01 -12.93
C TRP B 250 -26.33 -11.66 -11.53
N LYS B 251 -27.09 -12.62 -11.02
CA LYS B 251 -27.75 -12.56 -9.72
C LYS B 251 -27.21 -13.75 -8.95
N THR B 252 -26.82 -13.40 -7.74
CA THR B 252 -26.19 -14.24 -6.76
C THR B 252 -27.33 -14.99 -6.13
N VAL B 253 -27.22 -16.31 -6.21
CA VAL B 253 -28.07 -17.22 -5.54
C VAL B 253 -27.18 -17.86 -4.52
N THR B 254 -27.68 -17.80 -3.32
CA THR B 254 -27.12 -18.51 -2.17
C THR B 254 -28.06 -19.79 -1.82
N GLU B 255 -27.54 -20.83 -1.21
CA GLU B 255 -28.37 -22.01 -0.93
C GLU B 255 -28.52 -22.09 0.51
N ILE B 256 -29.73 -22.15 1.02
CA ILE B 256 -29.92 -21.89 2.49
C ILE B 256 -30.51 -23.14 3.17
N GLY B 257 -30.48 -23.25 4.48
CA GLY B 257 -30.83 -24.52 5.11
C GLY B 257 -29.61 -25.42 5.21
N ASP B 258 -29.59 -26.31 6.21
CA ASP B 258 -28.63 -27.45 6.32
C ASP B 258 -28.53 -28.15 4.99
N ASP B 259 -29.71 -28.60 4.56
CA ASP B 259 -30.15 -29.11 3.24
C ASP B 259 -29.63 -28.41 1.99
N LYS B 260 -29.40 -27.09 2.09
CA LYS B 260 -29.10 -26.18 0.93
C LYS B 260 -30.30 -26.11 0.01
N LYS B 261 -31.44 -26.54 0.50
CA LYS B 261 -32.64 -26.68 -0.39
C LYS B 261 -33.40 -25.37 -0.70
N ILE B 262 -33.29 -24.39 0.17
CA ILE B 262 -33.87 -23.06 0.01
C ILE B 262 -32.87 -22.23 -0.88
N LEU B 263 -33.36 -21.71 -2.02
CA LEU B 263 -32.56 -20.80 -2.92
C LEU B 263 -32.84 -19.35 -2.61
N LYS B 264 -31.83 -18.63 -2.24
CA LYS B 264 -32.00 -17.12 -2.18
C LYS B 264 -31.24 -16.31 -3.28
N LYS B 265 -32.02 -15.70 -4.17
CA LYS B 265 -31.50 -14.94 -5.31
C LYS B 265 -31.61 -13.45 -5.00
N VAL B 266 -30.48 -12.82 -4.83
CA VAL B 266 -30.45 -11.38 -4.49
C VAL B 266 -30.95 -10.51 -5.64
N LEU B 267 -31.98 -9.67 -5.43
CA LEU B 267 -32.47 -8.85 -6.59
C LEU B 267 -31.89 -7.46 -6.50
N LYS B 268 -31.73 -7.04 -5.26
CA LYS B 268 -31.12 -5.80 -4.92
C LYS B 268 -30.32 -6.11 -3.68
N GLU B 269 -29.04 -5.85 -3.73
CA GLU B 269 -28.16 -5.97 -2.58
C GLU B 269 -28.49 -5.00 -1.45
N UNK B 270 -28.30 -5.38 -0.20
CA UNK B 270 -28.56 -4.45 0.88
C UNK B 270 -27.29 -3.68 1.28
N GLU B 271 -27.19 -3.30 2.54
CA GLU B 271 -26.06 -2.52 3.06
C GLU B 271 -25.62 -3.07 4.42
N GLY B 272 -24.36 -2.79 4.80
CA GLY B 272 -23.67 -3.60 5.85
C GLY B 272 -23.01 -4.68 5.02
N TYR B 273 -22.78 -5.88 5.54
CA TYR B 273 -22.42 -6.15 6.93
C TYR B 273 -23.47 -6.81 7.87
N GLU B 274 -24.23 -6.05 8.63
CA GLU B 274 -25.13 -6.75 9.55
C GLU B 274 -26.30 -7.54 8.90
N ARG B 275 -26.68 -8.65 9.53
CA ARG B 275 -27.78 -9.51 9.08
C ARG B 275 -28.56 -9.71 10.29
N PRO B 276 -29.90 -9.91 10.21
CA PRO B 276 -30.61 -10.10 11.45
C PRO B 276 -30.09 -11.38 12.11
N ASN B 277 -30.23 -11.44 13.43
CA ASN B 277 -29.81 -12.63 14.12
C ASN B 277 -31.05 -13.33 14.65
N GLU B 278 -30.87 -14.53 15.22
CA GLU B 278 -32.02 -15.25 15.78
C GLU B 278 -32.50 -14.40 16.94
N GLY B 279 -33.81 -14.39 17.15
CA GLY B 279 -34.42 -13.46 18.04
C GLY B 279 -34.70 -12.09 17.43
N ALA B 280 -33.89 -11.59 16.50
CA ALA B 280 -34.12 -10.25 15.87
C ALA B 280 -35.55 -10.04 15.40
N VAL B 281 -35.99 -8.81 15.57
CA VAL B 281 -37.28 -8.33 15.13
C VAL B 281 -36.93 -7.60 13.81
N VAL B 282 -37.68 -7.90 12.79
CA VAL B 282 -37.32 -7.71 11.41
C VAL B 282 -38.58 -7.12 10.79
N THR B 283 -38.49 -6.08 9.99
CA THR B 283 -39.70 -5.54 9.23
C THR B 283 -39.52 -5.85 7.73
N VAL B 284 -40.46 -6.55 7.09
CA VAL B 284 -40.22 -6.99 5.75
C VAL B 284 -41.45 -6.65 4.91
N LYS B 285 -41.25 -6.62 3.59
CA LYS B 285 -42.36 -6.61 2.65
C LYS B 285 -42.23 -7.94 1.95
N ILE B 286 -43.31 -8.67 1.83
CA ILE B 286 -43.20 -9.92 1.21
C ILE B 286 -44.24 -10.11 0.18
N THR B 287 -43.86 -10.80 -0.85
CA THR B 287 -44.91 -11.26 -1.73
C THR B 287 -44.68 -12.71 -2.12
N GLY B 288 -45.70 -13.48 -1.96
CA GLY B 288 -45.62 -14.87 -2.28
C GLY B 288 -46.20 -15.31 -3.59
N LYS B 289 -45.43 -16.03 -4.39
CA LYS B 289 -45.96 -16.59 -5.61
C LYS B 289 -45.87 -18.14 -5.72
N LEU B 290 -46.77 -18.68 -6.49
CA LEU B 290 -46.53 -20.01 -6.99
C LEU B 290 -45.57 -19.92 -8.23
N GLN B 291 -45.08 -21.08 -8.66
CA GLN B 291 -44.08 -21.20 -9.69
C GLN B 291 -44.50 -20.74 -11.07
N ASP B 292 -45.78 -20.79 -11.30
CA ASP B 292 -46.41 -20.36 -12.47
C ASP B 292 -46.64 -18.85 -12.39
N GLY B 293 -46.12 -18.22 -11.33
CA GLY B 293 -46.23 -16.76 -11.03
C GLY B 293 -47.51 -16.24 -10.43
N THR B 294 -48.44 -17.08 -9.99
CA THR B 294 -49.60 -16.43 -9.36
C THR B 294 -49.33 -16.05 -7.94
N VAL B 295 -49.72 -14.82 -7.58
CA VAL B 295 -49.56 -14.21 -6.25
C VAL B 295 -50.56 -14.72 -5.24
N PHE B 296 -50.12 -15.35 -4.15
CA PHE B 296 -51.08 -15.82 -3.21
C PHE B 296 -50.99 -15.03 -1.92
N LEU B 297 -49.89 -14.32 -1.76
CA LEU B 297 -49.66 -13.54 -0.55
C LEU B 297 -49.05 -12.21 -0.87
N LYS B 298 -49.60 -11.19 -0.29
CA LYS B 298 -48.94 -9.94 -0.15
C LYS B 298 -49.07 -9.43 1.26
N LYS B 299 -47.96 -9.12 1.89
CA LYS B 299 -47.93 -8.61 3.24
C LYS B 299 -46.83 -7.57 3.52
N GLY B 300 -47.12 -6.49 4.22
CA GLY B 300 -46.00 -5.58 4.62
C GLY B 300 -45.74 -4.44 3.65
N HIS B 301 -46.41 -4.45 2.46
CA HIS B 301 -46.32 -3.41 1.43
C HIS B 301 -46.81 -2.05 1.91
N ASP B 302 -46.36 -1.02 1.19
CA ASP B 302 -46.47 0.44 1.65
C ASP B 302 -47.98 0.77 1.95
N GLU B 303 -48.85 0.20 1.10
CA GLU B 303 -50.23 0.40 1.12
C GLU B 303 -50.96 -0.61 2.00
N GLN B 304 -50.23 -1.39 2.82
CA GLN B 304 -50.81 -2.30 3.82
C GLN B 304 -50.28 -1.88 5.17
N GLU B 305 -50.74 -2.43 6.26
CA GLU B 305 -50.04 -2.27 7.53
C GLU B 305 -48.66 -2.91 7.46
N PRO B 306 -47.71 -2.43 8.24
CA PRO B 306 -46.37 -2.98 8.13
C PRO B 306 -46.31 -4.41 8.70
N PHE B 307 -45.35 -5.16 8.20
CA PHE B 307 -45.18 -6.53 8.63
C PHE B 307 -43.85 -6.64 9.29
N GLU B 308 -43.92 -7.24 10.47
CA GLU B 308 -42.83 -7.32 11.34
C GLU B 308 -42.92 -8.75 11.94
N PHE B 309 -41.80 -9.43 12.10
CA PHE B 309 -41.87 -10.66 12.85
C PHE B 309 -40.53 -10.88 13.56
N LYS B 310 -40.53 -11.70 14.60
CA LYS B 310 -39.27 -12.01 15.31
C LYS B 310 -38.68 -13.30 14.75
N THR B 311 -37.39 -13.31 14.46
CA THR B 311 -36.80 -14.46 13.81
C THR B 311 -36.52 -15.58 14.76
N ASP B 312 -36.26 -16.70 14.13
CA ASP B 312 -36.04 -17.98 14.75
C ASP B 312 -36.99 -18.36 15.86
N GLU B 313 -38.28 -18.40 15.55
CA GLU B 313 -39.34 -18.39 16.52
C GLU B 313 -40.51 -19.05 15.82
N GLU B 314 -40.29 -19.51 14.57
CA GLU B 314 -41.39 -20.06 13.79
C GLU B 314 -42.47 -19.02 13.56
N ALA B 315 -42.11 -17.73 13.45
CA ALA B 315 -43.19 -16.68 13.24
C ALA B 315 -43.74 -16.59 11.77
N VAL B 316 -43.09 -17.38 10.89
CA VAL B 316 -43.38 -17.43 9.45
C VAL B 316 -42.94 -18.81 8.98
N ILE B 317 -43.36 -19.17 7.75
CA ILE B 317 -42.90 -20.41 7.16
C ILE B 317 -41.41 -20.51 7.23
N GLU B 318 -40.92 -21.71 7.31
CA GLU B 318 -39.46 -21.91 7.59
C GLU B 318 -38.54 -21.28 6.53
N GLY B 319 -38.92 -21.38 5.27
CA GLY B 319 -38.00 -20.87 4.29
C GLY B 319 -37.85 -19.39 4.32
N LEU B 320 -38.91 -18.70 4.71
CA LEU B 320 -38.74 -17.25 4.93
C LEU B 320 -37.94 -16.84 6.23
N ASP B 321 -38.14 -17.62 7.26
CA ASP B 321 -37.36 -17.44 8.46
C ASP B 321 -35.86 -17.64 8.19
N ARG B 322 -35.49 -18.66 7.46
CA ARG B 322 -34.06 -18.88 7.18
C ARG B 322 -33.50 -17.81 6.22
N ALA B 323 -34.28 -17.43 5.22
CA ALA B 323 -33.91 -16.42 4.29
C ALA B 323 -33.67 -15.08 4.96
N VAL B 324 -34.57 -14.64 5.79
CA VAL B 324 -34.36 -13.32 6.36
C VAL B 324 -33.10 -13.20 7.20
N LEU B 325 -32.78 -14.25 7.95
CA LEU B 325 -31.54 -14.37 8.74
C LEU B 325 -30.32 -14.24 7.80
N ASN B 326 -30.49 -14.37 6.48
CA ASN B 326 -29.33 -14.25 5.54
C ASN B 326 -29.36 -13.00 4.66
N MET B 327 -30.11 -12.04 5.12
CA MET B 327 -30.28 -10.88 4.31
C MET B 327 -29.65 -9.76 5.01
N LYS B 328 -29.13 -8.79 4.29
CA LYS B 328 -28.82 -7.44 4.85
C LYS B 328 -29.98 -6.42 4.74
N LYS B 329 -29.78 -5.25 5.39
CA LYS B 329 -30.81 -4.15 5.38
C LYS B 329 -30.89 -3.66 3.99
N GLY B 330 -32.12 -3.62 3.46
CA GLY B 330 -32.38 -3.03 2.18
C GLY B 330 -32.40 -4.10 1.09
N GLU B 331 -31.98 -5.33 1.47
CA GLU B 331 -31.83 -6.41 0.47
C GLU B 331 -33.19 -6.81 -0.09
N VAL B 332 -33.30 -6.95 -1.42
CA VAL B 332 -34.54 -7.51 -1.99
C VAL B 332 -34.12 -8.85 -2.52
N ALA B 333 -34.82 -9.90 -2.17
CA ALA B 333 -34.46 -11.24 -2.56
C ALA B 333 -35.60 -12.05 -3.11
N LEU B 334 -35.27 -12.97 -3.99
CA LEU B 334 -36.17 -13.99 -4.50
C LEU B 334 -35.84 -15.30 -3.85
N VAL B 335 -36.76 -15.84 -3.10
CA VAL B 335 -36.57 -17.01 -2.29
C VAL B 335 -37.39 -18.20 -2.74
N THR B 336 -36.70 -19.21 -3.19
CA THR B 336 -37.36 -20.41 -3.61
C THR B 336 -37.51 -21.46 -2.51
N ILE B 337 -38.75 -21.76 -2.19
CA ILE B 337 -39.01 -22.53 -0.92
C ILE B 337 -39.71 -23.82 -1.20
N PRO B 338 -39.06 -24.98 -0.98
CA PRO B 338 -39.83 -26.21 -1.24
C PRO B 338 -40.85 -26.44 -0.15
N PRO B 339 -41.91 -27.23 -0.42
CA PRO B 339 -42.99 -27.24 0.54
C PRO B 339 -42.66 -27.71 1.93
N GLU B 340 -41.58 -28.42 2.16
CA GLU B 340 -41.31 -28.76 3.55
C GLU B 340 -40.93 -27.53 4.28
N TYR B 341 -40.56 -26.43 3.56
CA TYR B 341 -40.05 -25.25 4.28
C TYR B 341 -41.05 -24.11 4.26
N ALA B 342 -42.20 -24.43 3.80
CA ALA B 342 -43.26 -23.54 3.39
C ALA B 342 -44.54 -24.13 3.93
N TYR B 343 -45.48 -24.47 3.04
CA TYR B 343 -46.91 -24.74 3.44
C TYR B 343 -47.11 -26.16 3.71
N GLY B 344 -46.13 -26.98 3.32
CA GLY B 344 -46.21 -28.37 3.53
C GLY B 344 -47.27 -28.93 2.64
N SER B 345 -48.05 -29.83 3.24
CA SER B 345 -48.90 -30.81 2.55
C SER B 345 -50.36 -30.45 2.64
N THR B 346 -50.64 -29.30 3.23
CA THR B 346 -52.01 -28.87 3.37
C THR B 346 -52.19 -27.47 2.75
N GLU B 347 -53.37 -27.28 2.17
CA GLU B 347 -53.69 -26.07 1.41
C GLU B 347 -53.72 -24.81 2.25
N SER B 348 -53.37 -23.70 1.60
CA SER B 348 -53.25 -22.38 2.17
C SER B 348 -54.12 -21.41 1.37
N LYS B 349 -55.33 -21.10 1.90
CA LYS B 349 -56.29 -20.19 1.27
C LYS B 349 -55.91 -18.68 1.47
N GLN B 350 -55.34 -18.12 0.40
CA GLN B 350 -54.77 -16.80 0.44
C GLN B 350 -55.38 -15.99 -0.72
N ASP B 351 -54.56 -15.26 -1.51
CA ASP B 351 -55.16 -14.55 -2.67
C ASP B 351 -55.68 -15.65 -3.57
N ALA B 352 -54.76 -16.55 -3.97
CA ALA B 352 -55.09 -17.82 -4.60
C ALA B 352 -54.88 -18.93 -3.49
N ILE B 353 -55.22 -20.18 -3.71
CA ILE B 353 -54.92 -21.24 -2.70
C ILE B 353 -53.50 -21.80 -2.92
N VAL B 354 -52.71 -21.98 -1.85
CA VAL B 354 -51.50 -22.78 -2.09
C VAL B 354 -51.90 -24.27 -2.17
N PRO B 355 -51.81 -24.90 -3.39
CA PRO B 355 -52.01 -26.35 -3.43
C PRO B 355 -51.01 -27.15 -2.53
N PRO B 356 -51.46 -28.27 -1.95
CA PRO B 356 -50.54 -29.08 -1.17
C PRO B 356 -49.26 -29.35 -1.90
N ASN B 357 -48.14 -29.32 -1.15
CA ASN B 357 -46.85 -29.75 -1.77
C ASN B 357 -46.29 -28.79 -2.93
N SER B 358 -46.70 -27.51 -2.89
CA SER B 358 -46.16 -26.38 -3.73
C SER B 358 -44.78 -25.84 -3.31
N THR B 359 -43.87 -25.81 -4.21
CA THR B 359 -42.77 -24.98 -3.98
C THR B 359 -43.22 -23.56 -4.33
N VAL B 360 -42.91 -22.63 -3.46
CA VAL B 360 -43.37 -21.26 -3.53
C VAL B 360 -42.21 -20.32 -3.71
N ILE B 361 -42.50 -19.16 -4.25
CA ILE B 361 -41.48 -18.13 -4.43
C ILE B 361 -41.83 -16.87 -3.73
N TYR B 362 -40.97 -16.50 -2.83
CA TYR B 362 -41.18 -15.39 -2.00
C TYR B 362 -40.28 -14.26 -2.41
N GLU B 363 -40.87 -13.17 -2.83
CA GLU B 363 -40.14 -11.95 -2.94
C GLU B 363 -40.10 -11.27 -1.58
N VAL B 364 -38.92 -11.00 -1.08
CA VAL B 364 -38.73 -10.48 0.23
C VAL B 364 -37.89 -9.23 0.19
N GLU B 365 -38.34 -8.22 0.88
CA GLU B 365 -37.53 -7.06 1.12
C GLU B 365 -37.39 -6.88 2.60
N LEU B 366 -36.17 -6.90 3.04
CA LEU B 366 -35.86 -6.72 4.43
C LEU B 366 -35.72 -5.25 4.69
N VAL B 367 -36.75 -4.67 5.26
CA VAL B 367 -36.81 -3.23 5.40
C VAL B 367 -35.81 -2.65 6.41
N SER B 368 -35.93 -3.13 7.63
CA SER B 368 -35.07 -2.80 8.76
C SER B 368 -35.14 -3.93 9.73
N PHE B 369 -34.36 -3.87 10.79
CA PHE B 369 -34.37 -4.96 11.81
C PHE B 369 -33.80 -4.47 13.16
N VAL B 370 -34.14 -5.17 14.23
CA VAL B 370 -33.55 -4.84 15.53
C VAL B 370 -32.91 -6.13 16.11
N LYS B 371 -31.56 -6.20 16.06
CA LYS B 371 -30.81 -7.35 16.56
C LYS B 371 -31.28 -7.76 17.97
N ASP B 372 -31.17 -9.06 18.29
CA ASP B 372 -31.38 -9.59 19.67
C ASP B 372 -30.12 -9.42 20.49
#